data_6ENX
#
_entry.id   6ENX
#
_cell.length_a   116.470
_cell.length_b   38.250
_cell.length_c   75.550
_cell.angle_alpha   90.00
_cell.angle_beta   122.51
_cell.angle_gamma   90.00
#
_symmetry.space_group_name_H-M   'C 1 2 1'
#
loop_
_entity.id
_entity.type
_entity.pdbx_description
1 polymer 'NAD-dependent protein deacylase sirtuin-5, mitochondrial'
2 non-polymer 'ZINC ION'
3 non-polymer 'DIMETHYL SULFOXIDE'
4 non-polymer '4-[(2~{R},3~{a}~{R},5~{R},6~{R},6~{a}~{R})-5-[[[[(2~{R},3~{S},4~{R},5~{R})-5-(6-aminopurin-9-yl)-3,4-bis(oxidanyl)oxolan-2-yl]methoxy-oxidanyl-phosphoryl]oxy-oxidanyl-phosphoryl]oxymethyl]-2-[[(5~{S})-6-[[(2~{S})-3-(1~{H}-indol-3-yl)-1-oxidanylidene-1-(propan-2-ylamino)propan-2-yl]amino]-6-oxidanylidene-5-(phenylmethoxycarbonylamino)hexyl]amino]-6-oxidanyl-3~{a},5,6,6~{a}-tetrahydrofuro[2,3-d][1,3]oxathiol-2-yl]butanoic acid'
5 water water
#
_entity_poly.entity_id   1
_entity_poly.type   'polypeptide(L)'
_entity_poly.pdbx_seq_one_letter_code
;KMTRPSSDLTAFREHFAKAKHIAIITGAGVSAESGVPTFRGPGGFWRKWQAQDLATPEAFSRDPSLVWEFYHYRREVMRS
KMPNPAHLAIAECEARLGQQGRSVVIITQNIDELHHRAGSKHVYEIHGSLFKTRCMSCGEVKANHKSPICPALDGKGAPD
PNTKEARIPVELLPRCERKSCNGLLRPHVVWFGETLDSDILTAVERELEKCDLCLVVGTSSIVYPAAMFAPQVASRGVPV
AEFNMECTPATQRFKYHFEGPCGSTLPPALE
;
_entity_poly.pdbx_strand_id   A
#
# COMPACT_ATOMS: atom_id res chain seq x y z
N PRO A 5 23.39 3.79 -10.51
CA PRO A 5 23.40 3.23 -9.19
C PRO A 5 24.05 1.86 -9.21
N SER A 6 24.64 1.49 -8.09
CA SER A 6 25.34 0.20 -7.96
C SER A 6 24.34 -0.93 -7.80
N SER A 7 24.68 -2.10 -8.32
CA SER A 7 23.98 -3.33 -8.03
C SER A 7 24.87 -4.28 -7.24
N ASP A 8 25.80 -3.73 -6.44
CA ASP A 8 26.73 -4.52 -5.64
C ASP A 8 26.06 -4.95 -4.33
N LEU A 9 25.62 -6.18 -4.31
CA LEU A 9 24.81 -6.63 -3.21
C LEU A 9 25.68 -6.78 -1.96
N THR A 10 26.91 -7.25 -2.14
CA THR A 10 27.93 -7.21 -1.06
C THR A 10 28.06 -5.83 -0.40
N ALA A 11 28.26 -4.80 -1.21
CA ALA A 11 28.41 -3.43 -0.70
C ALA A 11 27.15 -3.00 0.04
N PHE A 12 25.97 -3.30 -0.52
CA PHE A 12 24.70 -3.04 0.16
C PHE A 12 24.59 -3.75 1.52
N ARG A 13 24.91 -5.06 1.55
CA ARG A 13 24.83 -5.87 2.77
C ARG A 13 25.82 -5.40 3.86
N GLU A 14 26.93 -4.77 3.47
CA GLU A 14 27.77 -4.05 4.44
C GLU A 14 27.06 -2.89 5.12
N HIS A 15 26.33 -2.08 4.35
CA HIS A 15 25.50 -1.03 4.91
C HIS A 15 24.42 -1.63 5.79
N PHE A 16 23.84 -2.74 5.34
CA PHE A 16 22.85 -3.46 6.15
C PHE A 16 23.38 -3.97 7.52
N ALA A 17 24.62 -4.46 7.51
CA ALA A 17 25.24 -4.94 8.77
C ALA A 17 25.33 -3.84 9.81
N LYS A 18 25.61 -2.62 9.37
CA LYS A 18 25.79 -1.48 10.29
C LYS A 18 24.53 -0.63 10.63
N ALA A 19 23.39 -0.87 9.96
CA ALA A 19 22.19 -0.04 10.17
C ALA A 19 21.42 -0.38 11.47
N LYS A 20 21.03 0.66 12.22
CA LYS A 20 20.16 0.53 13.40
C LYS A 20 18.73 0.89 13.15
N HIS A 21 18.46 1.64 12.08
CA HIS A 21 17.11 2.16 11.82
C HIS A 21 16.80 2.05 10.34
N ILE A 22 16.09 0.98 9.98
CA ILE A 22 15.92 0.71 8.58
C ILE A 22 14.48 1.08 8.24
N ALA A 23 14.32 1.85 7.15
CA ALA A 23 13.00 2.25 6.64
C ALA A 23 12.80 1.49 5.33
N ILE A 24 11.71 0.69 5.28
CA ILE A 24 11.33 -0.05 4.10
C ILE A 24 10.03 0.46 3.50
N ILE A 25 10.14 1.04 2.32
CA ILE A 25 8.98 1.65 1.67
C ILE A 25 8.51 0.67 0.62
N THR A 26 7.20 0.44 0.53
CA THR A 26 6.66 -0.58 -0.36
C THR A 26 5.45 -0.12 -1.15
N GLY A 27 5.34 -0.69 -2.35
CA GLY A 27 4.23 -0.44 -3.24
C GLY A 27 3.71 -1.75 -3.76
N ALA A 28 2.90 -1.68 -4.81
CA ALA A 28 2.07 -2.79 -5.24
C ALA A 28 2.90 -3.91 -5.83
N GLY A 29 4.09 -3.57 -6.34
CA GLY A 29 5.07 -4.56 -6.83
C GLY A 29 5.47 -5.62 -5.80
N VAL A 30 5.51 -5.25 -4.53
CA VAL A 30 5.81 -6.22 -3.46
C VAL A 30 4.68 -7.25 -3.31
N SER A 31 3.44 -6.86 -3.63
CA SER A 31 2.28 -7.74 -3.53
C SER A 31 1.97 -8.48 -4.80
N ALA A 32 2.45 -8.01 -5.96
CA ALA A 32 2.13 -8.66 -7.23
C ALA A 32 2.21 -10.18 -7.22
N GLU A 33 3.30 -10.71 -6.66
CA GLU A 33 3.61 -12.13 -6.73
C GLU A 33 2.63 -12.95 -5.91
N SER A 34 1.95 -12.31 -4.96
CA SER A 34 0.84 -12.94 -4.26
C SER A 34 -0.34 -13.23 -5.18
N GLY A 35 -0.35 -12.68 -6.39
CA GLY A 35 -1.37 -12.98 -7.43
C GLY A 35 -2.48 -11.93 -7.44
N VAL A 36 -2.09 -10.67 -7.30
CA VAL A 36 -3.03 -9.54 -7.36
C VAL A 36 -2.46 -8.42 -8.26
N PRO A 37 -3.34 -7.61 -8.89
CA PRO A 37 -2.82 -6.64 -9.83
C PRO A 37 -1.98 -5.52 -9.15
N THR A 38 -1.14 -4.86 -9.94
CA THR A 38 -0.55 -3.61 -9.54
C THR A 38 -1.50 -2.54 -10.04
N PHE A 39 -1.14 -1.27 -9.96
CA PHE A 39 -1.98 -0.22 -10.50
C PHE A 39 -1.65 0.11 -11.91
N ARG A 40 -0.36 0.21 -12.20
CA ARG A 40 0.06 0.66 -13.54
C ARG A 40 0.83 -0.36 -14.37
N GLY A 41 1.07 -1.54 -13.81
CA GLY A 41 1.67 -2.61 -14.57
C GLY A 41 0.70 -3.16 -15.59
N PRO A 42 1.16 -4.11 -16.40
CA PRO A 42 0.21 -4.77 -17.33
C PRO A 42 -0.91 -5.42 -16.57
N GLY A 43 -2.16 -5.25 -17.01
CA GLY A 43 -3.31 -5.76 -16.29
C GLY A 43 -3.59 -5.06 -14.96
N GLY A 44 -3.00 -3.87 -14.78
CA GLY A 44 -3.13 -3.14 -13.55
C GLY A 44 -4.46 -2.48 -13.47
N PHE A 45 -4.86 -2.12 -12.26
CA PHE A 45 -6.18 -1.50 -12.05
C PHE A 45 -6.46 -0.19 -12.85
N TRP A 46 -5.44 0.69 -12.94
CA TRP A 46 -5.51 1.91 -13.69
C TRP A 46 -5.25 1.76 -15.20
N ARG A 47 -4.93 0.54 -15.63
CA ARG A 47 -4.98 0.13 -17.03
C ARG A 47 -6.37 -0.32 -17.42
N LYS A 48 -6.97 -1.14 -16.57
CA LYS A 48 -8.27 -1.69 -16.88
C LYS A 48 -9.41 -0.67 -16.78
N TRP A 49 -9.34 0.16 -15.75
CA TRP A 49 -10.29 1.22 -15.44
C TRP A 49 -9.55 2.57 -15.49
N GLN A 50 -10.33 3.63 -15.48
CA GLN A 50 -9.80 4.97 -15.46
C GLN A 50 -9.87 5.40 -13.99
N ALA A 51 -8.72 5.76 -13.48
CA ALA A 51 -8.59 6.12 -12.08
C ALA A 51 -9.56 7.24 -11.63
N GLN A 52 -9.87 8.18 -12.52
CA GLN A 52 -10.79 9.27 -12.16
C GLN A 52 -12.26 8.83 -12.01
N ASP A 53 -12.59 7.61 -12.39
CA ASP A 53 -13.90 6.98 -12.15
C ASP A 53 -14.03 6.23 -10.84
N LEU A 54 -12.91 5.89 -10.22
CA LEU A 54 -12.83 4.96 -9.09
C LEU A 54 -12.04 5.44 -7.87
N ALA A 55 -11.14 6.40 -8.03
CA ALA A 55 -10.25 6.79 -6.93
C ALA A 55 -10.07 8.32 -6.76
N THR A 56 -11.16 9.06 -6.84
CA THR A 56 -11.13 10.48 -6.50
C THR A 56 -12.34 10.78 -5.66
N PRO A 57 -12.33 11.89 -4.94
CA PRO A 57 -13.57 12.21 -4.18
C PRO A 57 -14.78 12.44 -5.09
N GLU A 58 -14.55 13.05 -6.25
CA GLU A 58 -15.61 13.34 -7.23
C GLU A 58 -16.19 12.04 -7.76
N ALA A 59 -15.33 11.06 -8.07
CA ALA A 59 -15.78 9.75 -8.50
C ALA A 59 -16.78 9.22 -7.52
N PHE A 60 -16.47 9.30 -6.22
CA PHE A 60 -17.36 8.76 -5.20
C PHE A 60 -18.65 9.57 -5.07
N SER A 61 -18.58 10.90 -5.16
CA SER A 61 -19.80 11.67 -5.06
C SER A 61 -20.68 11.41 -6.28
N ARG A 62 -20.11 11.27 -7.47
CA ARG A 62 -20.93 11.07 -8.63
C ARG A 62 -21.46 9.63 -8.79
N ASP A 63 -20.73 8.61 -8.32
CA ASP A 63 -21.15 7.20 -8.55
C ASP A 63 -20.59 6.33 -7.43
N PRO A 64 -21.17 6.47 -6.23
CA PRO A 64 -20.65 5.68 -5.08
C PRO A 64 -20.77 4.15 -5.24
N SER A 65 -21.74 3.65 -5.98
CA SER A 65 -21.93 2.20 -6.26
C SER A 65 -20.86 1.62 -7.16
N LEU A 66 -20.55 2.29 -8.25
CA LEU A 66 -19.45 1.84 -9.10
C LEU A 66 -18.16 1.72 -8.25
N VAL A 67 -17.85 2.77 -7.50
CA VAL A 67 -16.68 2.79 -6.64
C VAL A 67 -16.72 1.63 -5.63
N TRP A 68 -17.83 1.50 -4.92
CA TRP A 68 -17.99 0.38 -3.99
C TRP A 68 -17.91 -1.00 -4.61
N GLU A 69 -18.49 -1.15 -5.80
CA GLU A 69 -18.38 -2.39 -6.53
C GLU A 69 -16.91 -2.78 -6.73
N PHE A 70 -16.05 -1.80 -7.09
CA PHE A 70 -14.61 -2.02 -7.34
C PHE A 70 -13.89 -2.39 -6.03
N TYR A 71 -14.17 -1.68 -4.92
CA TYR A 71 -13.55 -2.02 -3.63
C TYR A 71 -14.10 -3.35 -3.06
N HIS A 72 -15.41 -3.60 -3.17
CA HIS A 72 -15.98 -4.90 -2.85
C HIS A 72 -15.23 -6.09 -3.57
N TYR A 73 -15.08 -5.97 -4.88
CA TYR A 73 -14.40 -6.94 -5.75
C TYR A 73 -12.99 -7.18 -5.24
N ARG A 74 -12.28 -6.11 -4.98
CA ARG A 74 -10.92 -6.24 -4.46
C ARG A 74 -10.84 -6.90 -3.07
N ARG A 75 -11.80 -6.59 -2.19
CA ARG A 75 -11.88 -7.14 -0.86
C ARG A 75 -12.10 -8.63 -0.97
N GLU A 76 -13.06 -9.03 -1.79
CA GLU A 76 -13.39 -10.45 -1.94
C GLU A 76 -12.26 -11.29 -2.54
N VAL A 77 -11.50 -10.71 -3.46
CA VAL A 77 -10.33 -11.36 -4.06
C VAL A 77 -9.21 -11.50 -3.02
N MET A 78 -8.99 -10.43 -2.24
CA MET A 78 -7.84 -10.34 -1.29
C MET A 78 -7.92 -11.21 -0.03
N ARG A 79 -9.13 -11.51 0.42
CA ARG A 79 -9.36 -12.41 1.57
C ARG A 79 -8.49 -13.65 1.63
N SER A 80 -8.33 -14.27 0.48
CA SER A 80 -7.69 -15.58 0.37
C SER A 80 -6.27 -15.47 -0.11
N LYS A 81 -5.82 -14.26 -0.39
CA LYS A 81 -4.41 -14.09 -0.79
C LYS A 81 -3.44 -14.12 0.36
N MET A 82 -2.24 -14.56 0.04
CA MET A 82 -1.20 -14.84 1.02
C MET A 82 0.08 -14.07 0.80
N PRO A 83 0.77 -13.80 1.90
CA PRO A 83 2.06 -13.11 1.78
C PRO A 83 3.07 -13.96 0.96
N ASN A 84 3.86 -13.28 0.12
CA ASN A 84 4.84 -13.92 -0.74
C ASN A 84 6.22 -13.86 -0.07
N PRO A 85 7.24 -14.47 -0.71
CA PRO A 85 8.56 -14.37 -0.05
C PRO A 85 9.04 -12.99 0.25
N ALA A 86 8.55 -11.95 -0.40
CA ALA A 86 9.09 -10.61 -0.11
C ALA A 86 8.50 -10.07 1.19
N HIS A 87 7.19 -10.16 1.32
CA HIS A 87 6.51 -9.84 2.57
C HIS A 87 7.15 -10.59 3.75
N LEU A 88 7.34 -11.89 3.55
CA LEU A 88 7.84 -12.76 4.58
C LEU A 88 9.30 -12.41 4.97
N ALA A 89 10.18 -12.17 3.99
CA ALA A 89 11.52 -11.70 4.29
C ALA A 89 11.50 -10.38 5.09
N ILE A 90 10.59 -9.46 4.76
CA ILE A 90 10.46 -8.22 5.53
C ILE A 90 10.06 -8.47 6.99
N ALA A 91 9.02 -9.28 7.21
CA ALA A 91 8.58 -9.64 8.56
C ALA A 91 9.68 -10.30 9.40
N GLU A 92 10.33 -11.32 8.84
CA GLU A 92 11.40 -12.06 9.56
C GLU A 92 12.55 -11.11 9.90
N CYS A 93 12.90 -10.21 8.98
CA CYS A 93 13.90 -9.18 9.20
C CYS A 93 13.59 -8.25 10.38
N GLU A 94 12.37 -7.75 10.42
CA GLU A 94 11.89 -6.93 11.55
C GLU A 94 11.98 -7.66 12.89
N ALA A 95 11.60 -8.93 12.90
CA ALA A 95 11.56 -9.72 14.14
C ALA A 95 13.01 -10.03 14.58
N ARG A 96 13.87 -10.38 13.61
CA ARG A 96 15.26 -10.64 13.91
C ARG A 96 16.00 -9.39 14.38
N LEU A 97 15.99 -8.35 13.59
CA LEU A 97 16.55 -7.07 14.04
C LEU A 97 15.98 -6.51 15.36
N GLY A 98 14.66 -6.54 15.52
CA GLY A 98 14.01 -6.08 16.74
C GLY A 98 14.55 -6.79 17.95
N GLN A 99 14.83 -8.09 17.81
CA GLN A 99 15.36 -8.86 18.92
C GLN A 99 16.76 -8.35 19.29
N GLN A 100 17.48 -7.72 18.38
CA GLN A 100 18.78 -7.20 18.70
C GLN A 100 18.88 -5.67 18.93
N GLY A 101 17.76 -5.03 19.26
CA GLY A 101 17.70 -3.59 19.48
C GLY A 101 17.89 -2.71 18.27
N ARG A 102 17.57 -3.23 17.07
CA ARG A 102 17.65 -2.44 15.83
C ARG A 102 16.24 -2.31 15.23
N SER A 103 15.95 -1.18 14.60
CA SER A 103 14.58 -0.87 14.19
C SER A 103 14.36 -1.04 12.70
N VAL A 104 13.26 -1.69 12.37
CA VAL A 104 12.83 -1.82 10.98
C VAL A 104 11.42 -1.33 10.96
N VAL A 105 11.14 -0.40 10.06
CA VAL A 105 9.80 0.12 9.94
CA VAL A 105 9.84 0.23 9.92
C VAL A 105 9.37 0.01 8.48
N ILE A 106 8.12 -0.36 8.28
CA ILE A 106 7.55 -0.52 6.95
C ILE A 106 6.60 0.64 6.66
N ILE A 107 6.84 1.32 5.55
CA ILE A 107 6.04 2.42 5.15
C ILE A 107 5.41 1.98 3.82
N THR A 108 4.16 1.56 3.91
CA THR A 108 3.45 1.05 2.77
C THR A 108 2.36 1.89 2.16
N GLN A 109 2.44 1.92 0.85
CA GLN A 109 1.39 2.44 -0.05
C GLN A 109 0.20 1.52 -0.29
N ASN A 110 0.42 0.22 -0.06
CA ASN A 110 -0.56 -0.84 -0.34
C ASN A 110 -1.56 -0.78 0.75
N ILE A 111 -2.81 -0.99 0.40
CA ILE A 111 -3.92 -1.08 1.33
C ILE A 111 -4.38 -2.53 1.59
N ASP A 112 -3.70 -3.47 0.99
CA ASP A 112 -4.07 -4.89 0.99
C ASP A 112 -3.86 -5.67 2.31
N GLU A 113 -3.21 -5.04 3.29
CA GLU A 113 -2.91 -5.65 4.57
C GLU A 113 -1.96 -6.89 4.55
N LEU A 114 -1.28 -7.17 3.45
CA LEU A 114 -0.55 -8.42 3.36
C LEU A 114 0.68 -8.37 4.24
N HIS A 115 1.26 -7.17 4.47
CA HIS A 115 2.32 -7.01 5.44
C HIS A 115 1.83 -7.39 6.87
N HIS A 116 0.54 -7.12 7.23
CA HIS A 116 0.05 -7.57 8.54
C HIS A 116 -0.15 -9.09 8.50
N ARG A 117 -0.60 -9.62 7.38
CA ARG A 117 -0.78 -11.12 7.25
C ARG A 117 0.57 -11.85 7.45
N ALA A 118 1.65 -11.22 7.01
CA ALA A 118 2.96 -11.80 7.21
C ALA A 118 3.53 -11.70 8.60
N GLY A 119 2.95 -10.89 9.48
CA GLY A 119 3.48 -10.77 10.83
C GLY A 119 4.25 -9.52 11.09
N SER A 120 4.33 -8.61 10.12
CA SER A 120 4.95 -7.31 10.35
C SER A 120 4.09 -6.50 11.32
N LYS A 121 4.77 -5.87 12.27
CA LYS A 121 4.15 -5.00 13.28
C LYS A 121 4.39 -3.51 13.03
N HIS A 122 5.60 -3.08 12.74
CA HIS A 122 5.84 -1.65 12.68
C HIS A 122 5.49 -1.24 11.25
N VAL A 123 4.21 -1.00 10.97
CA VAL A 123 3.69 -0.85 9.58
C VAL A 123 2.89 0.44 9.54
N TYR A 124 3.33 1.41 8.75
CA TYR A 124 2.49 2.57 8.50
C TYR A 124 1.80 2.34 7.16
N GLU A 125 0.46 2.38 7.18
CA GLU A 125 -0.38 2.23 5.99
C GLU A 125 -0.82 3.60 5.50
N ILE A 126 0.04 4.22 4.70
CA ILE A 126 -0.12 5.64 4.37
C ILE A 126 -1.28 5.92 3.41
N HIS A 127 -1.82 4.92 2.69
CA HIS A 127 -2.98 5.11 1.82
C HIS A 127 -4.31 4.42 2.33
N GLY A 128 -4.27 3.92 3.57
CA GLY A 128 -5.44 3.39 4.28
C GLY A 128 -5.45 1.86 4.15
N SER A 129 -6.62 1.28 4.27
CA SER A 129 -6.80 -0.16 4.24
C SER A 129 -8.01 -0.59 3.46
N LEU A 130 -7.83 -1.68 2.69
CA LEU A 130 -8.85 -2.27 1.90
C LEU A 130 -10.04 -2.73 2.76
N PHE A 131 -9.73 -3.04 4.00
CA PHE A 131 -10.65 -3.67 4.88
C PHE A 131 -11.22 -2.68 5.92
N LYS A 132 -10.87 -1.40 5.87
CA LYS A 132 -11.51 -0.39 6.78
C LYS A 132 -12.59 0.43 6.15
N THR A 133 -13.57 0.88 6.95
CA THR A 133 -14.59 1.81 6.42
C THR A 133 -14.47 3.13 7.09
N ARG A 134 -14.90 4.19 6.41
CA ARG A 134 -15.07 5.48 7.05
C ARG A 134 -16.51 5.98 6.80
N CYS A 135 -17.18 6.45 7.84
CA CYS A 135 -18.55 6.96 7.72
C CYS A 135 -18.57 8.39 7.21
N MET A 136 -19.41 8.67 6.23
CA MET A 136 -19.50 9.98 5.62
C MET A 136 -20.18 11.03 6.49
N SER A 137 -20.88 10.60 7.54
CA SER A 137 -21.67 11.48 8.40
C SER A 137 -20.95 11.68 9.69
N CYS A 138 -20.71 10.59 10.41
CA CYS A 138 -20.11 10.68 11.73
C CYS A 138 -18.58 10.56 11.71
N GLY A 139 -17.97 10.08 10.63
CA GLY A 139 -16.50 9.99 10.58
C GLY A 139 -15.86 8.76 11.24
N GLU A 140 -16.66 7.89 11.83
CA GLU A 140 -16.20 6.67 12.47
C GLU A 140 -15.35 5.84 11.48
N VAL A 141 -14.15 5.44 11.90
CA VAL A 141 -13.30 4.47 11.17
C VAL A 141 -13.32 3.09 11.88
N LYS A 142 -13.46 2.02 11.10
CA LYS A 142 -13.75 0.67 11.61
C LYS A 142 -13.06 -0.35 10.73
N ALA A 143 -12.46 -1.40 11.29
CA ALA A 143 -12.18 -2.58 10.44
C ALA A 143 -13.55 -3.16 10.08
N ASN A 144 -13.68 -3.63 8.84
CA ASN A 144 -14.90 -4.28 8.37
C ASN A 144 -14.48 -5.43 7.48
N HIS A 145 -14.66 -6.65 7.95
CA HIS A 145 -14.27 -7.84 7.17
C HIS A 145 -15.53 -8.69 6.86
N LYS A 146 -16.75 -8.13 6.96
CA LYS A 146 -17.93 -8.78 6.39
C LYS A 146 -17.76 -9.14 4.90
N SER A 147 -18.19 -10.34 4.56
CA SER A 147 -18.17 -10.84 3.18
C SER A 147 -19.56 -11.36 2.89
N PRO A 148 -20.32 -10.74 2.02
CA PRO A 148 -20.03 -9.47 1.38
C PRO A 148 -20.20 -8.32 2.41
N ILE A 149 -19.62 -7.16 2.15
CA ILE A 149 -19.71 -5.99 3.02
C ILE A 149 -21.18 -5.49 3.21
N CYS A 150 -22.00 -5.61 2.18
CA CYS A 150 -23.44 -5.46 2.36
C CYS A 150 -24.21 -6.45 1.49
N PRO A 151 -25.41 -6.85 1.90
CA PRO A 151 -26.21 -7.81 1.11
C PRO A 151 -26.34 -7.47 -0.40
N ALA A 152 -26.52 -6.19 -0.74
CA ALA A 152 -26.74 -5.82 -2.19
C ALA A 152 -25.53 -6.14 -3.02
N LEU A 153 -24.32 -6.15 -2.41
CA LEU A 153 -23.10 -6.51 -3.14
C LEU A 153 -22.82 -8.01 -3.26
N ASP A 154 -23.67 -8.86 -2.69
CA ASP A 154 -23.40 -10.30 -2.66
C ASP A 154 -23.36 -10.86 -4.09
N GLY A 155 -22.23 -11.47 -4.44
CA GLY A 155 -22.01 -12.03 -5.76
C GLY A 155 -21.69 -11.03 -6.84
N LYS A 156 -21.53 -9.75 -6.52
CA LYS A 156 -21.01 -8.83 -7.54
C LYS A 156 -19.55 -9.02 -7.85
N GLY A 157 -19.24 -8.89 -9.12
CA GLY A 157 -17.88 -9.01 -9.62
C GLY A 157 -17.39 -7.64 -9.98
N ALA A 158 -16.31 -7.62 -10.72
CA ALA A 158 -15.63 -6.42 -11.10
C ALA A 158 -16.57 -5.59 -11.96
N PRO A 159 -16.68 -4.29 -11.66
CA PRO A 159 -17.69 -3.46 -12.27
C PRO A 159 -17.32 -2.89 -13.65
N ASP A 160 -18.34 -2.80 -14.49
CA ASP A 160 -18.28 -2.14 -15.78
C ASP A 160 -19.10 -0.90 -15.63
N PRO A 161 -18.48 0.30 -15.73
CA PRO A 161 -19.24 1.56 -15.68
C PRO A 161 -20.31 1.66 -16.77
N ASN A 162 -20.17 1.00 -17.91
CA ASN A 162 -21.25 1.02 -18.90
C ASN A 162 -22.48 0.22 -18.54
N THR A 163 -22.41 -0.72 -17.58
CA THR A 163 -23.60 -1.54 -17.19
C THR A 163 -24.35 -0.81 -16.11
N LYS A 164 -25.07 0.23 -16.52
CA LYS A 164 -25.88 1.05 -15.61
C LYS A 164 -26.77 0.18 -14.73
N GLU A 165 -27.30 -0.90 -15.29
CA GLU A 165 -28.23 -1.83 -14.61
C GLU A 165 -27.60 -2.59 -13.42
N ALA A 166 -26.27 -2.63 -13.34
CA ALA A 166 -25.58 -3.32 -12.28
C ALA A 166 -25.37 -2.40 -11.07
N ARG A 167 -25.64 -1.12 -11.21
CA ARG A 167 -25.47 -0.18 -10.12
C ARG A 167 -26.50 -0.38 -9.04
N ILE A 168 -26.10 -0.20 -7.80
CA ILE A 168 -26.95 -0.39 -6.63
C ILE A 168 -27.42 0.95 -6.11
N PRO A 169 -28.68 1.07 -5.67
CA PRO A 169 -29.08 2.34 -5.05
C PRO A 169 -28.23 2.68 -3.83
N VAL A 170 -27.97 3.97 -3.62
CA VAL A 170 -27.07 4.42 -2.56
C VAL A 170 -27.48 4.04 -1.12
N GLU A 171 -28.78 3.95 -0.90
CA GLU A 171 -29.33 3.51 0.36
C GLU A 171 -28.98 2.08 0.68
N LEU A 172 -28.78 1.21 -0.32
CA LEU A 172 -28.37 -0.20 -0.08
C LEU A 172 -26.85 -0.42 -0.05
N LEU A 173 -26.05 0.63 -0.23
CA LEU A 173 -24.61 0.48 -0.13
C LEU A 173 -24.23 0.42 1.38
N PRO A 174 -22.96 0.10 1.72
CA PRO A 174 -22.60 -0.03 3.12
C PRO A 174 -22.97 1.22 3.89
N ARG A 175 -23.66 1.01 5.01
CA ARG A 175 -24.10 2.05 5.88
C ARG A 175 -23.46 1.84 7.23
N CYS A 176 -23.27 2.93 7.93
CA CYS A 176 -22.77 2.95 9.31
C CYS A 176 -23.70 2.21 10.31
N GLU A 177 -23.16 1.21 11.00
CA GLU A 177 -23.98 0.39 11.90
C GLU A 177 -23.99 0.91 13.34
N ARG A 178 -23.22 1.97 13.59
CA ARG A 178 -23.38 2.79 14.79
C ARG A 178 -24.83 3.12 15.05
N LYS A 179 -25.23 2.98 16.30
CA LYS A 179 -26.60 3.18 16.68
C LYS A 179 -26.86 4.69 16.55
N SER A 180 -27.82 5.02 15.68
CA SER A 180 -28.37 6.38 15.44
C SER A 180 -27.67 7.16 14.34
N CYS A 181 -26.89 6.49 13.49
CA CYS A 181 -26.22 7.18 12.37
C CYS A 181 -26.78 6.84 10.97
N ASN A 182 -26.64 5.59 10.58
CA ASN A 182 -26.92 5.18 9.18
C ASN A 182 -26.22 5.99 8.03
N GLY A 183 -25.12 6.69 8.27
CA GLY A 183 -24.47 7.46 7.20
C GLY A 183 -23.91 6.50 6.17
N LEU A 184 -23.64 7.01 4.97
CA LEU A 184 -23.01 6.23 3.93
C LEU A 184 -21.56 5.99 4.31
N LEU A 185 -21.07 4.76 4.14
CA LEU A 185 -19.64 4.50 4.34
C LEU A 185 -18.93 4.59 3.01
N ARG A 186 -17.63 4.91 3.09
CA ARG A 186 -16.73 4.87 1.97
C ARG A 186 -15.56 4.03 2.42
N PRO A 187 -14.83 3.47 1.45
CA PRO A 187 -13.55 2.83 1.86
C PRO A 187 -12.65 3.83 2.57
N HIS A 188 -11.97 3.37 3.62
CA HIS A 188 -11.01 4.21 4.36
C HIS A 188 -9.66 4.11 3.67
N VAL A 189 -9.57 4.82 2.54
CA VAL A 189 -8.37 4.84 1.71
C VAL A 189 -8.11 6.25 1.32
N VAL A 190 -6.91 6.54 0.81
CA VAL A 190 -6.54 7.87 0.36
C VAL A 190 -6.64 7.92 -1.13
N TRP A 191 -7.52 8.81 -1.59
CA TRP A 191 -7.74 9.00 -3.04
C TRP A 191 -6.92 10.15 -3.59
N PHE A 192 -6.82 10.22 -4.92
CA PHE A 192 -6.13 11.36 -5.53
C PHE A 192 -6.81 12.64 -5.12
N GLY A 193 -6.03 13.61 -4.66
CA GLY A 193 -6.56 14.92 -4.25
C GLY A 193 -6.99 14.99 -2.81
N GLU A 194 -6.64 13.97 -2.02
CA GLU A 194 -7.02 13.94 -0.63
C GLU A 194 -5.74 13.90 0.12
N THR A 195 -5.67 14.70 1.18
CA THR A 195 -4.52 14.64 2.10
C THR A 195 -4.38 13.25 2.78
N LEU A 196 -3.14 12.83 3.03
CA LEU A 196 -2.84 11.71 3.90
C LEU A 196 -3.11 12.14 5.34
N ASP A 197 -3.38 11.16 6.17
CA ASP A 197 -3.61 11.39 7.58
C ASP A 197 -2.39 12.12 8.16
N SER A 198 -2.64 13.24 8.86
CA SER A 198 -1.51 14.04 9.30
C SER A 198 -0.72 13.37 10.44
N ASP A 199 -1.38 12.60 11.30
CA ASP A 199 -0.66 11.84 12.33
C ASP A 199 0.30 10.83 11.68
N ILE A 200 -0.20 10.10 10.69
CA ILE A 200 0.63 9.13 9.99
C ILE A 200 1.79 9.81 9.28
N LEU A 201 1.47 10.88 8.61
CA LEU A 201 2.46 11.54 7.82
C LEU A 201 3.56 12.09 8.69
N THR A 202 3.20 12.72 9.79
CA THR A 202 4.20 13.21 10.73
C THR A 202 5.13 12.14 11.29
N ALA A 203 4.54 11.02 11.70
CA ALA A 203 5.32 9.90 12.22
C ALA A 203 6.23 9.34 11.13
N VAL A 204 5.71 9.19 9.92
CA VAL A 204 6.56 8.75 8.82
C VAL A 204 7.74 9.70 8.65
N GLU A 205 7.43 10.99 8.65
CA GLU A 205 8.49 12.00 8.50
C GLU A 205 9.64 11.78 9.53
N ARG A 206 9.31 11.68 10.81
CA ARG A 206 10.32 11.39 11.83
C ARG A 206 11.08 10.06 11.61
N GLU A 207 10.40 9.03 11.11
CA GLU A 207 11.05 7.75 10.80
C GLU A 207 12.11 7.96 9.74
N LEU A 208 11.76 8.72 8.72
CA LEU A 208 12.67 9.00 7.63
C LEU A 208 13.85 9.84 8.09
N GLU A 209 13.65 10.76 9.05
CA GLU A 209 14.78 11.54 9.60
C GLU A 209 15.71 10.68 10.41
N LYS A 210 15.19 9.65 11.07
CA LYS A 210 15.99 8.79 11.93
C LYS A 210 16.63 7.64 11.12
N CYS A 211 16.13 7.31 9.94
CA CYS A 211 16.61 6.07 9.33
C CYS A 211 18.08 6.24 8.88
N ASP A 212 18.85 5.15 8.93
CA ASP A 212 20.26 5.14 8.42
C ASP A 212 20.43 4.24 7.18
N LEU A 213 19.33 3.58 6.80
CA LEU A 213 19.26 2.81 5.56
C LEU A 213 17.83 2.79 5.10
N CYS A 214 17.62 2.97 3.81
CA CYS A 214 16.28 2.99 3.28
C CYS A 214 16.18 2.03 2.08
N LEU A 215 15.15 1.20 2.04
CA LEU A 215 14.81 0.42 0.82
C LEU A 215 13.51 0.86 0.18
N VAL A 216 13.47 0.83 -1.16
CA VAL A 216 12.25 1.21 -1.91
C VAL A 216 11.84 0.11 -2.91
N VAL A 217 10.79 -0.62 -2.49
CA VAL A 217 10.46 -1.94 -3.06
C VAL A 217 9.13 -1.89 -3.83
N GLY A 218 9.17 -2.20 -5.10
CA GLY A 218 7.93 -2.39 -5.87
C GLY A 218 7.02 -1.18 -6.04
N THR A 219 7.59 0.02 -6.15
CA THR A 219 6.75 1.18 -6.38
C THR A 219 7.26 1.90 -7.59
N SER A 220 6.32 2.49 -8.32
CA SER A 220 6.64 3.21 -9.53
C SER A 220 7.26 4.62 -9.29
N SER A 221 7.25 5.08 -8.02
CA SER A 221 7.75 6.38 -7.60
C SER A 221 7.21 7.53 -8.48
N ILE A 222 5.92 7.40 -8.82
CA ILE A 222 5.17 8.36 -9.59
C ILE A 222 4.32 9.20 -8.61
N VAL A 223 3.62 8.52 -7.67
CA VAL A 223 2.60 9.10 -6.80
C VAL A 223 3.20 9.79 -5.56
N TYR A 224 2.71 11.00 -5.31
N TYR A 224 2.78 11.05 -5.37
CA TYR A 224 3.23 11.84 -4.29
CA TYR A 224 3.28 11.93 -4.35
C TYR A 224 2.25 11.83 -3.14
C TYR A 224 2.29 11.84 -3.17
N PRO A 225 2.75 12.03 -1.91
CA PRO A 225 4.18 12.31 -1.52
C PRO A 225 5.12 11.12 -1.39
N ALA A 226 4.58 9.89 -1.45
CA ALA A 226 5.42 8.69 -1.26
C ALA A 226 6.66 8.64 -2.17
N ALA A 227 6.53 9.08 -3.41
CA ALA A 227 7.65 9.04 -4.38
C ALA A 227 8.86 9.84 -3.98
N MET A 228 8.69 10.86 -3.14
CA MET A 228 9.81 11.66 -2.63
C MET A 228 10.35 11.25 -1.26
N PHE A 229 9.73 10.25 -0.60
CA PHE A 229 10.23 9.78 0.68
C PHE A 229 11.72 9.33 0.57
N ALA A 230 11.99 8.42 -0.35
CA ALA A 230 13.35 7.89 -0.50
C ALA A 230 14.28 8.93 -1.09
N PRO A 231 13.81 9.67 -2.09
CA PRO A 231 14.65 10.82 -2.47
C PRO A 231 15.01 11.78 -1.32
N GLN A 232 14.09 12.06 -0.42
CA GLN A 232 14.40 12.91 0.69
C GLN A 232 15.53 12.35 1.52
N VAL A 233 15.41 11.10 1.86
CA VAL A 233 16.38 10.45 2.76
C VAL A 233 17.75 10.44 2.05
N ALA A 234 17.76 10.14 0.74
CA ALA A 234 19.03 10.11 0.00
C ALA A 234 19.71 11.48 0.01
N SER A 235 18.93 12.56 -0.07
CA SER A 235 19.53 13.92 0.02
C SER A 235 20.18 14.23 1.39
N ARG A 236 19.91 13.44 2.42
CA ARG A 236 20.72 13.50 3.66
C ARG A 236 22.01 12.67 3.65
N GLY A 237 22.35 12.00 2.55
CA GLY A 237 23.53 11.08 2.51
C GLY A 237 23.27 9.65 2.96
N VAL A 238 22.03 9.32 3.24
CA VAL A 238 21.67 7.96 3.65
C VAL A 238 21.64 7.03 2.42
N PRO A 239 22.20 5.81 2.52
CA PRO A 239 22.07 4.88 1.38
C PRO A 239 20.62 4.40 1.17
N VAL A 240 20.14 4.54 -0.05
CA VAL A 240 18.86 4.04 -0.47
C VAL A 240 19.15 2.94 -1.44
N ALA A 241 18.40 1.83 -1.33
CA ALA A 241 18.46 0.72 -2.30
C ALA A 241 17.10 0.50 -2.96
N GLU A 242 17.00 0.60 -4.28
CA GLU A 242 15.75 0.37 -4.98
C GLU A 242 15.64 -1.09 -5.39
N PHE A 243 14.50 -1.72 -5.12
CA PHE A 243 14.21 -3.08 -5.65
C PHE A 243 13.02 -2.98 -6.56
N ASN A 244 13.25 -3.18 -7.86
CA ASN A 244 12.17 -3.03 -8.83
C ASN A 244 12.50 -3.81 -10.04
N MET A 245 11.46 -4.09 -10.82
CA MET A 245 11.60 -4.76 -12.09
C MET A 245 12.12 -3.82 -13.19
N GLU A 246 12.00 -2.51 -12.98
CA GLU A 246 12.54 -1.55 -13.93
C GLU A 246 13.01 -0.30 -13.22
N CYS A 247 13.63 0.60 -13.98
CA CYS A 247 14.00 1.94 -13.49
C CYS A 247 12.78 2.82 -13.37
N THR A 248 12.84 3.80 -12.48
CA THR A 248 11.71 4.66 -12.16
C THR A 248 12.20 6.11 -12.26
N PRO A 249 11.30 7.07 -12.12
CA PRO A 249 11.74 8.48 -12.04
C PRO A 249 12.79 8.71 -10.96
N ALA A 250 12.78 7.93 -9.89
CA ALA A 250 13.69 8.16 -8.81
C ALA A 250 15.00 7.38 -8.83
N THR A 251 15.19 6.41 -9.70
CA THR A 251 16.38 5.52 -9.58
C THR A 251 17.71 6.28 -9.49
N GLN A 252 17.90 7.25 -10.36
CA GLN A 252 19.20 7.98 -10.37
C GLN A 252 19.50 8.81 -9.10
N ARG A 253 18.54 8.96 -8.19
CA ARG A 253 18.83 9.50 -6.84
C ARG A 253 19.47 8.55 -5.82
N PHE A 254 19.39 7.24 -6.06
CA PHE A 254 19.66 6.23 -5.03
C PHE A 254 21.06 5.63 -5.19
N LYS A 255 21.65 5.12 -4.11
CA LYS A 255 22.96 4.49 -4.19
C LYS A 255 22.93 3.11 -4.88
N TYR A 256 21.90 2.30 -4.60
CA TYR A 256 21.73 0.96 -5.22
C TYR A 256 20.46 0.82 -6.02
N HIS A 257 20.49 -0.03 -7.04
CA HIS A 257 19.28 -0.47 -7.73
C HIS A 257 19.45 -1.97 -7.99
N PHE A 258 18.49 -2.75 -7.52
CA PHE A 258 18.54 -4.21 -7.68
C PHE A 258 17.35 -4.58 -8.55
N GLU A 259 17.69 -4.95 -9.79
CA GLU A 259 16.70 -5.21 -10.81
C GLU A 259 16.18 -6.62 -10.60
N GLY A 260 14.88 -6.79 -10.77
CA GLY A 260 14.26 -8.09 -10.75
C GLY A 260 12.98 -8.15 -9.98
N PRO A 261 12.38 -9.35 -9.88
CA PRO A 261 11.22 -9.56 -9.06
C PRO A 261 11.65 -9.57 -7.62
N CYS A 262 10.95 -8.84 -6.76
CA CYS A 262 11.39 -8.72 -5.35
C CYS A 262 11.30 -10.06 -4.57
N GLY A 263 10.40 -10.92 -4.97
CA GLY A 263 10.32 -12.27 -4.44
C GLY A 263 11.70 -12.96 -4.37
N SER A 264 12.61 -12.69 -5.33
CA SER A 264 13.95 -13.27 -5.37
C SER A 264 15.08 -12.32 -5.06
N THR A 265 14.98 -11.05 -5.44
CA THR A 265 15.97 -10.07 -5.13
C THR A 265 15.94 -9.58 -3.66
N LEU A 266 14.78 -9.52 -3.03
CA LEU A 266 14.74 -8.94 -1.65
C LEU A 266 15.24 -9.89 -0.54
N PRO A 267 14.82 -11.16 -0.52
CA PRO A 267 15.27 -12.03 0.58
C PRO A 267 16.78 -12.18 0.82
N PRO A 268 17.64 -12.24 -0.24
CA PRO A 268 19.08 -12.26 0.12
C PRO A 268 19.58 -10.91 0.61
N ALA A 269 18.92 -9.82 0.24
CA ALA A 269 19.33 -8.51 0.74
C ALA A 269 19.11 -8.40 2.21
N LEU A 270 18.03 -8.99 2.68
CA LEU A 270 17.64 -8.87 4.09
C LEU A 270 18.17 -9.99 4.96
N GLU A 271 18.87 -10.96 4.37
CA GLU A 271 19.32 -12.13 5.11
C GLU A 271 20.25 -11.72 6.25
#